data_9FW5
#
_entry.id   9FW5
#
_cell.length_a   107.108
_cell.length_b   107.108
_cell.length_c   52.415
_cell.angle_alpha   90.00
_cell.angle_beta   90.00
_cell.angle_gamma   90.00
#
_symmetry.space_group_name_H-M   'I 41'
#
loop_
_entity.id
_entity.type
_entity.pdbx_description
1 polymer 'Retroaldolase 17 (RAD17)'
2 non-polymer 'NONAETHYLENE GLYCOL'
#
_entity_poly.entity_id   1
_entity_poly.type   'polypeptide(L)'
_entity_poly.pdbx_seq_one_letter_code
;MTPEEEARAAVDSFPEALRQRAWDLNVKSAEKLAKYGIEKVTELALKLLKEIFEKYVEGKITREDLPEVVKKILVLLSLV
KATAIYSKEGLEKILELLKEIAKELRERGETLLAEAIDYLIEALEKLHKGDADGYLTLLTIALYLYFKHIVENGARDPEL
AAAVRPLVEGGYEAVARYYFEVFAPKLEEGTEEAVKLFEE
;
_entity_poly.pdbx_strand_id   A
#
# COMPACT_ATOMS: atom_id res chain seq x y z
N THR A 2 11.38 -17.79 7.32
CA THR A 2 10.08 -17.46 6.75
C THR A 2 10.17 -16.06 6.16
N PRO A 3 9.44 -15.81 5.05
CA PRO A 3 9.38 -14.44 4.50
C PRO A 3 9.14 -13.33 5.51
N GLU A 4 8.25 -13.62 6.47
CA GLU A 4 7.91 -12.68 7.53
C GLU A 4 9.08 -12.46 8.46
N GLU A 5 9.78 -13.53 8.84
CA GLU A 5 10.94 -13.40 9.71
C GLU A 5 12.10 -12.68 9.03
N GLU A 6 12.35 -12.98 7.75
CA GLU A 6 13.42 -12.31 7.01
C GLU A 6 13.12 -10.83 6.78
N ALA A 7 11.91 -10.51 6.35
CA ALA A 7 11.53 -9.11 6.17
C ALA A 7 11.57 -8.37 7.49
N ARG A 8 11.11 -9.01 8.56
CA ARG A 8 11.18 -8.40 9.88
C ARG A 8 12.62 -8.12 10.23
N ALA A 9 13.51 -9.10 10.01
CA ALA A 9 14.93 -8.89 10.28
C ALA A 9 15.46 -7.69 9.49
N ALA A 10 15.00 -7.56 8.25
CA ALA A 10 15.41 -6.43 7.44
C ALA A 10 14.92 -5.13 8.06
N VAL A 11 13.67 -5.12 8.52
CA VAL A 11 13.11 -3.90 9.12
C VAL A 11 13.88 -3.52 10.38
N ASP A 12 14.26 -4.51 11.19
CA ASP A 12 14.93 -4.20 12.45
C ASP A 12 16.35 -3.68 12.25
N SER A 13 16.94 -3.88 11.07
CA SER A 13 18.28 -3.42 10.76
C SER A 13 18.34 -1.90 10.52
N PHE A 14 17.20 -1.24 10.38
CA PHE A 14 17.13 0.21 10.17
C PHE A 14 16.97 0.96 11.48
N PRO A 15 17.50 2.18 11.56
CA PRO A 15 17.42 2.94 12.80
C PRO A 15 15.99 3.13 13.32
N GLU A 16 15.86 2.92 14.62
CA GLU A 16 14.58 3.06 15.33
C GLU A 16 13.96 4.44 15.10
N ALA A 17 14.78 5.49 15.07
CA ALA A 17 14.26 6.83 14.86
C ALA A 17 13.52 6.94 13.53
N LEU A 18 14.10 6.35 12.47
CA LEU A 18 13.49 6.36 11.15
C LEU A 18 12.14 5.62 11.14
N ARG A 19 12.10 4.44 11.76
CA ARG A 19 10.87 3.67 11.87
C ARG A 19 9.84 4.45 12.67
N GLN A 20 10.28 5.08 13.75
CA GLN A 20 9.39 5.91 14.55
C GLN A 20 8.86 7.06 13.72
N ARG A 21 9.69 7.65 12.85
CA ARG A 21 9.18 8.72 12.00
C ARG A 21 8.07 8.22 11.10
N ALA A 22 8.32 7.11 10.42
CA ALA A 22 7.28 6.53 9.56
C ALA A 22 5.98 6.27 10.32
N TRP A 23 6.08 5.69 11.52
CA TRP A 23 4.89 5.45 12.31
C TRP A 23 4.18 6.75 12.66
N ASP A 24 4.93 7.72 13.23
CA ASP A 24 4.36 9.00 13.64
C ASP A 24 3.67 9.68 12.47
N LEU A 25 4.29 9.63 11.28
CA LEU A 25 3.70 10.20 10.07
C LEU A 25 2.37 9.51 9.72
N ASN A 26 2.31 8.18 9.87
CA ASN A 26 1.04 7.48 9.60
C ASN A 26 -0.05 7.94 10.54
N VAL A 27 0.30 8.10 11.82
CA VAL A 27 -0.70 8.45 12.82
C VAL A 27 -1.18 9.87 12.58
N LYS A 28 -0.26 10.79 12.26
CA LYS A 28 -0.66 12.17 12.02
C LYS A 28 -1.59 12.24 10.81
N SER A 29 -1.25 11.52 9.73
CA SER A 29 -2.15 11.48 8.58
C SER A 29 -3.51 10.93 8.95
N ALA A 30 -3.53 9.87 9.77
CA ALA A 30 -4.79 9.28 10.16
C ALA A 30 -5.63 10.25 10.95
N GLU A 31 -5.03 10.98 11.90
CA GLU A 31 -5.76 11.99 12.67
C GLU A 31 -6.32 13.08 11.75
N LYS A 32 -5.51 13.54 10.80
CA LYS A 32 -5.98 14.57 9.88
C LYS A 32 -7.21 14.08 9.13
N LEU A 33 -7.21 12.81 8.71
CA LEU A 33 -8.35 12.32 7.95
C LEU A 33 -9.54 12.00 8.85
N ALA A 34 -9.26 11.53 10.07
CA ALA A 34 -10.30 11.17 11.04
C ALA A 34 -11.11 12.40 11.43
N LYS A 35 -10.59 13.61 11.16
CA LYS A 35 -11.33 14.82 11.49
C LYS A 35 -12.56 14.98 10.60
N TYR A 36 -12.60 14.29 9.47
CA TYR A 36 -13.66 14.34 8.48
C TYR A 36 -14.72 13.26 8.62
N GLY A 37 -14.73 12.51 9.72
CA GLY A 37 -15.70 11.43 9.88
C GLY A 37 -15.27 10.07 9.36
N ILE A 38 -15.17 9.07 10.24
CA ILE A 38 -14.59 7.81 9.82
C ILE A 38 -15.53 7.09 8.86
N GLU A 39 -16.84 7.30 9.01
CA GLU A 39 -17.78 6.71 8.07
C GLU A 39 -17.58 7.28 6.67
N LYS A 40 -17.39 8.60 6.57
CA LYS A 40 -17.15 9.24 5.28
C LYS A 40 -15.82 8.77 4.69
N VAL A 41 -14.80 8.66 5.53
CA VAL A 41 -13.49 8.20 5.07
C VAL A 41 -13.61 6.80 4.49
N THR A 42 -14.30 5.91 5.20
CA THR A 42 -14.49 4.54 4.73
C THR A 42 -15.28 4.48 3.42
N GLU A 43 -16.37 5.26 3.32
CA GLU A 43 -17.17 5.23 2.09
C GLU A 43 -16.32 5.66 0.91
N LEU A 44 -15.55 6.73 1.08
CA LEU A 44 -14.69 7.19 -0.01
C LEU A 44 -13.63 6.15 -0.36
N ALA A 45 -13.03 5.52 0.66
CA ALA A 45 -12.04 4.47 0.42
C ALA A 45 -12.63 3.37 -0.43
N LEU A 46 -13.83 2.90 -0.07
CA LEU A 46 -14.44 1.82 -0.82
C LEU A 46 -14.71 2.23 -2.27
N LYS A 47 -15.20 3.46 -2.48
CA LYS A 47 -15.49 3.91 -3.83
C LYS A 47 -14.24 3.92 -4.70
N LEU A 48 -13.16 4.52 -4.18
CA LEU A 48 -11.92 4.62 -4.96
C LEU A 48 -11.33 3.25 -5.22
N LEU A 49 -11.31 2.38 -4.22
CA LEU A 49 -10.81 1.03 -4.44
C LEU A 49 -11.55 0.34 -5.58
N LYS A 50 -12.88 0.43 -5.59
CA LYS A 50 -13.63 -0.22 -6.68
C LYS A 50 -13.27 0.38 -8.02
N GLU A 51 -13.18 1.71 -8.09
CA GLU A 51 -12.85 2.36 -9.36
C GLU A 51 -11.49 1.90 -9.88
N ILE A 52 -10.48 1.90 -9.02
CA ILE A 52 -9.15 1.52 -9.47
C ILE A 52 -9.13 0.09 -9.95
N PHE A 53 -9.75 -0.83 -9.20
CA PHE A 53 -9.75 -2.24 -9.64
C PHE A 53 -10.48 -2.43 -10.96
N GLU A 54 -11.68 -1.84 -11.10
CA GLU A 54 -12.41 -1.99 -12.35
C GLU A 54 -11.61 -1.45 -13.54
N LYS A 55 -10.98 -0.27 -13.39
CA LYS A 55 -10.16 0.28 -14.49
C LYS A 55 -8.96 -0.60 -14.80
N TYR A 56 -8.30 -1.10 -13.76
CA TYR A 56 -7.14 -1.95 -13.97
C TYR A 56 -7.47 -3.19 -14.78
N VAL A 57 -8.52 -3.93 -14.40
CA VAL A 57 -8.80 -5.20 -15.07
C VAL A 57 -9.15 -4.99 -16.53
N GLU A 58 -9.72 -3.85 -16.85
CA GLU A 58 -10.14 -3.56 -18.20
C GLU A 58 -8.94 -3.15 -19.05
N GLY A 59 -7.76 -3.07 -18.45
CA GLY A 59 -6.59 -2.66 -19.18
C GLY A 59 -6.63 -1.26 -19.69
N LYS A 60 -7.32 -0.37 -18.99
CA LYS A 60 -7.50 0.98 -19.48
C LYS A 60 -6.43 1.89 -18.89
N ILE A 61 -5.54 1.33 -18.07
CA ILE A 61 -4.41 2.05 -17.53
C ILE A 61 -3.28 1.98 -18.55
N THR A 62 -3.00 3.08 -19.24
CA THR A 62 -1.90 3.11 -20.18
C THR A 62 -0.65 3.66 -19.48
N ARG A 63 0.48 3.60 -20.18
CA ARG A 63 1.72 4.15 -19.65
C ARG A 63 1.56 5.65 -19.42
N GLU A 64 0.80 6.31 -20.31
CA GLU A 64 0.54 7.74 -20.26
C GLU A 64 -0.34 8.10 -19.07
N ASP A 65 -1.08 7.12 -18.53
CA ASP A 65 -2.03 7.26 -17.44
C ASP A 65 -1.38 7.14 -16.07
N LEU A 66 -0.09 6.82 -16.00
CA LEU A 66 0.54 6.38 -14.75
C LEU A 66 0.59 7.46 -13.69
N PRO A 67 0.99 8.71 -13.95
CA PRO A 67 0.98 9.70 -12.86
C PRO A 67 -0.36 9.86 -12.14
N GLU A 68 -1.49 9.86 -12.86
CA GLU A 68 -2.79 10.01 -12.19
C GLU A 68 -3.14 8.81 -11.32
N VAL A 69 -2.91 7.58 -11.81
CA VAL A 69 -3.22 6.38 -11.03
C VAL A 69 -2.44 6.36 -9.72
N VAL A 70 -1.15 6.73 -9.75
CA VAL A 70 -0.35 6.76 -8.52
C VAL A 70 -0.99 7.71 -7.51
N LYS A 71 -1.40 8.89 -7.97
CA LYS A 71 -2.09 9.81 -7.06
C LYS A 71 -3.33 9.15 -6.45
N LYS A 72 -4.12 8.44 -7.27
CA LYS A 72 -5.32 7.80 -6.75
C LYS A 72 -4.97 6.73 -5.71
N ILE A 73 -3.91 5.98 -5.95
CA ILE A 73 -3.48 4.97 -4.98
C ILE A 73 -3.03 5.61 -3.69
N LEU A 74 -2.29 6.72 -3.78
CA LEU A 74 -1.83 7.40 -2.57
C LEU A 74 -3.01 7.86 -1.75
N VAL A 75 -4.04 8.37 -2.40
CA VAL A 75 -5.25 8.74 -1.67
C VAL A 75 -5.88 7.51 -1.04
N LEU A 76 -6.07 6.46 -1.85
CA LEU A 76 -6.70 5.25 -1.34
C LEU A 76 -5.98 4.71 -0.11
N LEU A 77 -4.64 4.64 -0.16
CA LEU A 77 -3.85 4.14 0.96
C LEU A 77 -4.02 5.04 2.18
N SER A 78 -4.05 6.36 1.98
CA SER A 78 -4.23 7.23 3.13
C SER A 78 -5.60 7.02 3.79
N LEU A 79 -6.64 6.88 2.98
CA LEU A 79 -7.98 6.67 3.53
C LEU A 79 -8.06 5.34 4.25
N VAL A 80 -7.52 4.30 3.61
CA VAL A 80 -7.56 2.96 4.15
C VAL A 80 -6.81 2.88 5.47
N LYS A 81 -5.63 3.51 5.54
CA LYS A 81 -4.85 3.52 6.77
C LYS A 81 -5.59 4.23 7.89
N ALA A 82 -6.24 5.37 7.60
CA ALA A 82 -7.03 6.06 8.61
C ALA A 82 -8.09 5.12 9.15
N THR A 83 -8.79 4.42 8.25
CA THR A 83 -9.81 3.46 8.67
C THR A 83 -9.21 2.35 9.54
N ALA A 84 -8.04 1.83 9.14
CA ALA A 84 -7.41 0.74 9.89
C ALA A 84 -7.09 1.19 11.32
N ILE A 85 -6.81 2.49 11.51
CA ILE A 85 -6.43 2.88 12.86
C ILE A 85 -7.67 3.11 13.72
N TYR A 86 -8.79 3.56 13.13
CA TYR A 86 -9.85 4.09 13.96
C TYR A 86 -11.18 3.33 13.89
N SER A 87 -11.35 2.39 12.97
CA SER A 87 -12.64 1.70 12.82
C SER A 87 -12.49 0.22 12.49
N LYS A 88 -12.78 -0.69 13.41
CA LYS A 88 -12.75 -2.11 13.06
C LYS A 88 -13.79 -2.44 12.01
N GLU A 89 -15.02 -1.98 12.17
CA GLU A 89 -16.05 -2.28 11.19
C GLU A 89 -15.70 -1.73 9.81
N GLY A 90 -15.31 -0.46 9.72
CA GLY A 90 -14.87 0.08 8.44
C GLY A 90 -13.74 -0.72 7.84
N LEU A 91 -12.74 -1.04 8.69
CA LEU A 91 -11.62 -1.86 8.25
C LEU A 91 -12.10 -3.22 7.75
N GLU A 92 -13.03 -3.86 8.46
CA GLU A 92 -13.52 -5.15 8.00
C GLU A 92 -14.11 -5.06 6.60
N LYS A 93 -14.81 -3.96 6.30
CA LYS A 93 -15.38 -3.82 4.96
C LYS A 93 -14.29 -3.64 3.90
N ILE A 94 -13.30 -2.78 4.18
CA ILE A 94 -12.21 -2.57 3.24
C ILE A 94 -11.44 -3.88 2.99
N LEU A 95 -11.13 -4.60 4.06
CA LEU A 95 -10.45 -5.88 3.96
C LEU A 95 -11.26 -6.92 3.17
N GLU A 96 -12.55 -7.00 3.44
CA GLU A 96 -13.39 -7.95 2.70
C GLU A 96 -13.28 -7.68 1.20
N LEU A 97 -13.35 -6.40 0.84
CA LEU A 97 -13.23 -6.06 -0.56
C LEU A 97 -11.86 -6.42 -1.12
N LEU A 98 -10.80 -6.12 -0.39
CA LEU A 98 -9.46 -6.47 -0.87
C LEU A 98 -9.32 -7.99 -1.04
N LYS A 99 -9.90 -8.78 -0.13
CA LYS A 99 -9.82 -10.23 -0.32
C LYS A 99 -10.50 -10.66 -1.58
N GLU A 100 -11.65 -10.07 -1.91
CA GLU A 100 -12.30 -10.43 -3.18
C GLU A 100 -11.41 -10.07 -4.35
N ILE A 101 -10.83 -8.86 -4.33
CA ILE A 101 -9.96 -8.40 -5.41
C ILE A 101 -8.76 -9.32 -5.55
N ALA A 102 -8.11 -9.67 -4.43
CA ALA A 102 -6.99 -10.59 -4.51
C ALA A 102 -7.40 -11.91 -5.17
N LYS A 103 -8.55 -12.48 -4.75
CA LYS A 103 -9.02 -13.72 -5.37
C LYS A 103 -9.22 -13.55 -6.86
N GLU A 104 -9.88 -12.46 -7.27
CA GLU A 104 -10.12 -12.22 -8.68
C GLU A 104 -8.82 -12.11 -9.45
N LEU A 105 -7.86 -11.34 -8.92
CA LEU A 105 -6.57 -11.18 -9.59
C LEU A 105 -5.84 -12.50 -9.71
N ARG A 106 -5.96 -13.36 -8.69
CA ARG A 106 -5.31 -14.66 -8.79
C ARG A 106 -5.96 -15.50 -9.87
N GLU A 107 -7.29 -15.43 -9.97
CA GLU A 107 -8.02 -16.17 -10.98
C GLU A 107 -7.64 -15.70 -12.37
N ARG A 108 -7.14 -14.50 -12.47
CA ARG A 108 -6.79 -13.92 -13.73
C ARG A 108 -5.33 -14.13 -14.06
N GLY A 109 -4.61 -14.73 -13.13
CA GLY A 109 -3.21 -15.07 -13.27
C GLY A 109 -2.26 -14.02 -12.80
N GLU A 110 -2.74 -12.91 -12.23
CA GLU A 110 -1.89 -11.87 -11.64
C GLU A 110 -1.56 -12.31 -10.22
N THR A 111 -0.76 -13.37 -10.13
CA THR A 111 -0.57 -14.03 -8.84
C THR A 111 0.27 -13.18 -7.88
N LEU A 112 1.35 -12.57 -8.38
CA LEU A 112 2.24 -11.76 -7.53
C LEU A 112 1.49 -10.54 -7.03
N LEU A 113 0.70 -9.92 -7.89
CA LEU A 113 -0.08 -8.78 -7.45
C LEU A 113 -1.07 -9.24 -6.36
N ALA A 114 -1.70 -10.41 -6.57
CA ALA A 114 -2.60 -10.95 -5.54
C ALA A 114 -1.87 -11.19 -4.24
N GLU A 115 -0.64 -11.72 -4.29
CA GLU A 115 0.12 -11.91 -3.06
C GLU A 115 0.44 -10.59 -2.39
N ALA A 116 0.84 -9.60 -3.20
CA ALA A 116 1.07 -8.27 -2.66
C ALA A 116 -0.15 -7.78 -1.90
N ILE A 117 -1.33 -7.98 -2.47
CA ILE A 117 -2.53 -7.52 -1.78
C ILE A 117 -2.76 -8.31 -0.49
N ASP A 118 -2.47 -9.62 -0.49
CA ASP A 118 -2.64 -10.39 0.75
C ASP A 118 -1.80 -9.81 1.87
N TYR A 119 -0.56 -9.46 1.54
CA TYR A 119 0.34 -8.88 2.55
C TYR A 119 -0.11 -7.47 2.96
N LEU A 120 -0.67 -6.70 2.03
CA LEU A 120 -1.22 -5.40 2.41
C LEU A 120 -2.33 -5.57 3.42
N ILE A 121 -3.19 -6.55 3.17
CA ILE A 121 -4.28 -6.87 4.10
C ILE A 121 -3.73 -7.20 5.49
N GLU A 122 -2.68 -8.02 5.53
CA GLU A 122 -2.08 -8.35 6.83
C GLU A 122 -1.44 -7.15 7.50
N ALA A 123 -0.78 -6.30 6.72
CA ALA A 123 -0.18 -5.09 7.28
C ALA A 123 -1.25 -4.19 7.89
N LEU A 124 -2.39 -4.05 7.21
CA LEU A 124 -3.47 -3.23 7.73
C LEU A 124 -4.01 -3.81 9.03
N GLU A 125 -4.07 -5.13 9.13
CA GLU A 125 -4.48 -5.68 10.42
C GLU A 125 -3.46 -5.34 11.53
N LYS A 126 -2.16 -5.46 11.25
CA LYS A 126 -1.17 -5.06 12.26
C LYS A 126 -1.28 -3.58 12.58
N LEU A 127 -1.55 -2.75 11.59
CA LEU A 127 -1.75 -1.33 11.83
C LEU A 127 -2.90 -1.13 12.79
N HIS A 128 -4.01 -1.83 12.54
CA HIS A 128 -5.18 -1.72 13.40
C HIS A 128 -4.86 -2.10 14.82
N LYS A 129 -3.94 -3.04 15.02
CA LYS A 129 -3.59 -3.52 16.34
C LYS A 129 -2.48 -2.65 16.97
N GLY A 130 -1.98 -1.64 16.25
CA GLY A 130 -0.97 -0.72 16.75
C GLY A 130 0.46 -1.25 16.75
N ASP A 131 0.73 -2.31 15.99
CA ASP A 131 2.05 -2.94 15.87
C ASP A 131 2.86 -2.28 14.75
N ALA A 132 3.70 -1.28 15.09
CA ALA A 132 4.40 -0.55 14.03
C ALA A 132 5.40 -1.46 13.29
N ASP A 133 6.19 -2.25 14.02
CA ASP A 133 7.18 -3.11 13.36
C ASP A 133 6.47 -4.21 12.55
N GLY A 134 5.42 -4.84 13.11
CA GLY A 134 4.69 -5.84 12.33
C GLY A 134 4.09 -5.22 11.07
N TYR A 135 3.59 -4.00 11.20
CA TYR A 135 3.06 -3.30 10.02
C TYR A 135 4.14 -3.07 8.98
N LEU A 136 5.30 -2.55 9.38
CA LEU A 136 6.35 -2.24 8.40
C LEU A 136 6.89 -3.52 7.79
N THR A 137 6.96 -4.61 8.53
CA THR A 137 7.43 -5.87 7.95
C THR A 137 6.51 -6.33 6.83
N LEU A 138 5.19 -6.36 7.11
CA LEU A 138 4.25 -6.86 6.11
C LEU A 138 4.10 -5.90 4.93
N LEU A 139 4.20 -4.59 5.20
CA LEU A 139 4.17 -3.61 4.13
C LEU A 139 5.40 -3.77 3.22
N THR A 140 6.56 -4.04 3.80
CA THR A 140 7.74 -4.26 2.96
C THR A 140 7.56 -5.46 2.05
N ILE A 141 6.95 -6.53 2.56
CA ILE A 141 6.72 -7.68 1.68
C ILE A 141 5.74 -7.32 0.59
N ALA A 142 4.65 -6.63 0.93
CA ALA A 142 3.68 -6.25 -0.09
C ALA A 142 4.33 -5.42 -1.18
N LEU A 143 5.19 -4.44 -0.81
CA LEU A 143 5.85 -3.63 -1.84
C LEU A 143 6.80 -4.46 -2.67
N TYR A 144 7.56 -5.33 -2.01
CA TYR A 144 8.46 -6.18 -2.75
C TYR A 144 7.69 -6.97 -3.79
N LEU A 145 6.58 -7.60 -3.40
CA LEU A 145 5.81 -8.39 -4.36
C LEU A 145 5.25 -7.52 -5.45
N TYR A 146 4.82 -6.30 -5.13
CA TYR A 146 4.35 -5.39 -6.17
C TYR A 146 5.44 -5.09 -7.20
N PHE A 147 6.63 -4.79 -6.72
CA PHE A 147 7.70 -4.51 -7.66
C PHE A 147 8.02 -5.74 -8.48
N LYS A 148 8.03 -6.91 -7.82
CA LYS A 148 8.28 -8.16 -8.53
C LYS A 148 7.22 -8.37 -9.62
N HIS A 149 5.96 -8.06 -9.33
CA HIS A 149 4.92 -8.11 -10.34
C HIS A 149 5.26 -7.24 -11.53
N ILE A 150 5.79 -6.03 -11.25
CA ILE A 150 6.16 -5.11 -12.34
C ILE A 150 7.29 -5.69 -13.16
N VAL A 151 8.28 -6.29 -12.50
CA VAL A 151 9.41 -6.83 -13.24
C VAL A 151 8.99 -8.05 -14.06
N GLU A 152 8.10 -8.88 -13.53
CA GLU A 152 7.72 -10.07 -14.29
C GLU A 152 6.79 -9.69 -15.42
N ASN A 153 6.18 -8.53 -15.35
CA ASN A 153 5.28 -8.06 -16.38
C ASN A 153 5.90 -6.90 -17.13
N GLY A 154 7.23 -6.76 -17.01
CA GLY A 154 7.91 -5.58 -17.48
C GLY A 154 7.70 -5.27 -18.94
N ALA A 155 7.22 -6.22 -19.72
CA ALA A 155 6.95 -5.94 -21.12
C ALA A 155 5.93 -4.84 -21.30
N ARG A 156 5.16 -4.54 -20.24
CA ARG A 156 4.09 -3.56 -20.33
C ARG A 156 4.64 -2.15 -20.10
N ASP A 157 5.83 -2.04 -19.50
CA ASP A 157 6.51 -0.77 -19.23
C ASP A 157 7.95 -1.10 -18.89
N PRO A 158 8.80 -1.31 -19.89
CA PRO A 158 10.16 -1.79 -19.61
C PRO A 158 10.96 -0.81 -18.79
N GLU A 159 10.76 0.49 -18.99
CA GLU A 159 11.51 1.47 -18.24
C GLU A 159 11.11 1.39 -16.77
N LEU A 160 9.81 1.36 -16.49
CA LEU A 160 9.35 1.22 -15.11
C LEU A 160 9.91 -0.06 -14.50
N ALA A 161 9.90 -1.15 -15.24
CA ALA A 161 10.48 -2.38 -14.72
C ALA A 161 11.94 -2.18 -14.39
N ALA A 162 12.67 -1.45 -15.25
CA ALA A 162 14.11 -1.21 -15.07
C ALA A 162 14.35 -0.37 -13.85
N ALA A 163 13.45 0.57 -13.54
CA ALA A 163 13.64 1.48 -12.41
C ALA A 163 13.52 0.74 -11.09
N VAL A 164 12.61 -0.24 -11.03
CA VAL A 164 12.31 -0.88 -9.76
C VAL A 164 13.06 -2.21 -9.64
N ARG A 165 13.72 -2.63 -10.70
CA ARG A 165 14.46 -3.89 -10.69
C ARG A 165 15.52 -3.93 -9.61
N PRO A 166 16.36 -2.89 -9.43
CA PRO A 166 17.36 -2.94 -8.35
C PRO A 166 16.73 -3.15 -7.00
N LEU A 167 15.50 -2.68 -6.81
CA LEU A 167 14.83 -2.89 -5.55
C LEU A 167 14.51 -4.38 -5.36
N VAL A 168 14.06 -5.03 -6.42
CA VAL A 168 13.74 -6.46 -6.33
C VAL A 168 15.03 -7.25 -6.13
N GLU A 169 16.08 -6.90 -6.88
CA GLU A 169 17.34 -7.63 -6.77
C GLU A 169 17.95 -7.43 -5.40
N GLY A 170 17.72 -6.27 -4.77
CA GLY A 170 18.22 -5.95 -3.46
C GLY A 170 17.44 -6.57 -2.33
N GLY A 171 16.27 -7.14 -2.61
CA GLY A 171 15.49 -7.83 -1.59
C GLY A 171 14.75 -6.90 -0.64
N TYR A 172 14.33 -7.50 0.49
CA TYR A 172 13.52 -6.76 1.45
C TYR A 172 14.26 -5.55 1.98
N GLU A 173 15.58 -5.65 2.12
CA GLU A 173 16.37 -4.52 2.62
C GLU A 173 16.23 -3.32 1.68
N ALA A 174 16.39 -3.57 0.37
CA ALA A 174 16.25 -2.51 -0.61
C ALA A 174 14.83 -1.95 -0.61
N VAL A 175 13.82 -2.81 -0.41
CA VAL A 175 12.45 -2.33 -0.40
C VAL A 175 12.19 -1.50 0.84
N ALA A 176 12.63 -1.98 1.99
CA ALA A 176 12.50 -1.22 3.23
C ALA A 176 13.21 0.13 3.11
N ARG A 177 14.44 0.13 2.55
CA ARG A 177 15.19 1.34 2.32
C ARG A 177 14.40 2.32 1.46
N TYR A 178 13.85 1.84 0.34
CA TYR A 178 13.00 2.67 -0.52
C TYR A 178 11.83 3.24 0.26
N TYR A 179 11.16 2.40 1.06
CA TYR A 179 10.00 2.85 1.85
C TYR A 179 10.37 4.00 2.76
N PHE A 180 11.43 3.81 3.55
CA PHE A 180 11.77 4.80 4.58
C PHE A 180 12.24 6.08 3.92
N GLU A 181 12.98 5.97 2.80
CA GLU A 181 13.63 7.12 2.23
C GLU A 181 12.77 7.79 1.17
N VAL A 182 11.86 7.09 0.54
CA VAL A 182 11.11 7.63 -0.59
C VAL A 182 9.62 7.60 -0.32
N PHE A 183 9.10 6.44 0.04
CA PHE A 183 7.64 6.28 0.04
C PHE A 183 6.99 6.98 1.24
N ALA A 184 7.50 6.75 2.46
CA ALA A 184 6.84 7.27 3.64
C ALA A 184 6.63 8.77 3.55
N PRO A 185 7.62 9.58 3.11
CA PRO A 185 7.39 11.04 2.99
C PRO A 185 6.26 11.39 2.02
N LYS A 186 5.98 10.54 1.04
CA LYS A 186 4.95 10.82 0.04
C LYS A 186 3.55 10.66 0.60
N LEU A 187 3.45 10.07 1.80
CA LEU A 187 2.13 9.80 2.41
C LEU A 187 1.38 11.13 2.56
N GLU A 188 2.10 12.18 2.94
CA GLU A 188 1.47 13.47 3.14
C GLU A 188 0.82 13.93 1.85
N GLU A 189 1.48 13.66 0.72
CA GLU A 189 0.86 14.00 -0.56
C GLU A 189 -0.49 13.35 -0.70
N GLY A 190 -0.56 12.05 -0.39
CA GLY A 190 -1.86 11.39 -0.44
C GLY A 190 -2.87 12.01 0.49
N THR A 191 -2.44 12.35 1.70
CA THR A 191 -3.36 12.98 2.64
C THR A 191 -3.88 14.30 2.10
N GLU A 192 -3.00 15.11 1.50
CA GLU A 192 -3.47 16.39 0.99
C GLU A 192 -4.52 16.21 -0.09
N GLU A 193 -4.32 15.25 -1.00
CA GLU A 193 -5.34 15.04 -2.02
C GLU A 193 -6.64 14.59 -1.40
N ALA A 194 -6.58 13.73 -0.38
CA ALA A 194 -7.79 13.28 0.29
C ALA A 194 -8.52 14.46 0.92
N VAL A 195 -7.79 15.37 1.57
CA VAL A 195 -8.42 16.53 2.18
C VAL A 195 -9.18 17.31 1.11
N LYS A 196 -8.56 17.46 -0.06
CA LYS A 196 -9.21 18.20 -1.15
C LYS A 196 -10.53 17.56 -1.56
N LEU A 197 -10.64 16.23 -1.47
CA LEU A 197 -11.88 15.58 -1.87
C LEU A 197 -13.05 15.93 -0.95
N PHE A 198 -12.77 16.29 0.30
CA PHE A 198 -13.86 16.60 1.21
C PHE A 198 -14.15 18.10 1.19
#